data_7KP0
#
_entry.id   7KP0
#
_cell.length_a   42.469
_cell.length_b   90.918
_cell.length_c   107.351
_cell.angle_alpha   90.000
_cell.angle_beta   90.000
_cell.angle_gamma   90.000
#
_symmetry.space_group_name_H-M   'P 21 21 21'
#
loop_
_entity.id
_entity.type
_entity.pdbx_description
1 polymer 'T-cell surface glycoprotein CD1a'
2 polymer Beta-2-microglobulin
3 non-polymer (4R,7S)-4-hydroxy-7-[(1S,2E)-1-hydroxyhexadec-2-en-1-yl]-N,N,N-trimethyl-4,9-dioxo-3,5-dioxa-8-aza-4lambda~5~-phosphadotriacontan-1-aminium
4 non-polymer 1,2-ETHANEDIOL
5 water water
#
loop_
_entity_poly.entity_id
_entity_poly.type
_entity_poly.pdbx_seq_one_letter_code
_entity_poly.pdbx_strand_id
1 'polypeptide(L)'
;ATGLKEPLSFHVIWIASFYNHSWKQNLVSGWLSDLQTHTWDSNSSTIVFLWPWSRGNFSNEEWKELETLFRIRTIRSFEG
IRRYAHELQFEYPFEIQVTGGCELHSGKVSGSFLQLAYQGSDFVSFQNNSWLPYPVAGNMAKHFCKVLNQNQHENDITHN
LLSDTCPRFILGLLDAGKAHLQRQVKPEAWLSHGPSPGPGHLQLVCHVSGFYPKPVWVMWMRGEQEQQGTQRGDILPSAD
GTWYLRATLEVAAGEAADLSCRVKHSSLEGQDIVLYWEGSLVPRG
;
A
2 'polypeptide(L)'
;AIQRTPKIQVYSRHPAENGKSNFLNCYVSGFHPSDIEVDLLKNGERIEKVEHSDLSFSKDWSFYLLYYTEFTPTEKDEYA
CRVNHVTLSQPKIVKWDRDMGSLVPR
;
B
#
# COMPACT_ATOMS: atom_id res chain seq x y z
N LEU A 8 17.73 3.20 0.71
CA LEU A 8 16.35 2.88 1.06
C LEU A 8 15.62 2.20 -0.10
N SER A 9 16.38 1.84 -1.14
CA SER A 9 15.92 1.02 -2.25
C SER A 9 14.88 1.69 -3.15
N PHE A 10 15.29 2.07 -4.36
CA PHE A 10 14.38 2.52 -5.40
C PHE A 10 14.06 1.36 -6.31
N HIS A 11 12.80 1.24 -6.72
CA HIS A 11 12.45 0.12 -7.59
C HIS A 11 11.28 0.50 -8.48
N VAL A 12 11.13 -0.27 -9.56
CA VAL A 12 10.07 -0.15 -10.54
C VAL A 12 9.18 -1.38 -10.43
N ILE A 13 7.86 -1.21 -10.52
CA ILE A 13 6.96 -2.35 -10.56
C ILE A 13 6.21 -2.37 -11.88
N TRP A 14 5.91 -3.57 -12.35
CA TRP A 14 5.27 -3.80 -13.64
C TRP A 14 4.15 -4.80 -13.41
N ILE A 15 2.91 -4.40 -13.67
CA ILE A 15 1.74 -5.27 -13.58
C ILE A 15 1.14 -5.39 -14.97
N ALA A 16 1.00 -6.62 -15.45
CA ALA A 16 0.38 -6.90 -16.74
C ALA A 16 -0.65 -8.00 -16.54
N SER A 17 -1.90 -7.74 -16.92
CA SER A 17 -3.01 -8.67 -16.73
C SER A 17 -3.55 -9.09 -18.08
N PHE A 18 -3.52 -10.39 -18.35
CA PHE A 18 -3.96 -10.96 -19.62
C PHE A 18 -5.31 -11.64 -19.40
N TYR A 19 -6.39 -10.88 -19.62
CA TYR A 19 -7.73 -11.42 -19.42
C TYR A 19 -8.09 -12.44 -20.49
N ASN A 20 -7.94 -12.08 -21.77
CA ASN A 20 -8.14 -13.02 -22.86
C ASN A 20 -7.13 -12.73 -23.96
N HIS A 21 -7.23 -13.49 -25.05
CA HIS A 21 -6.28 -13.40 -26.16
C HIS A 21 -6.19 -12.01 -26.78
N SER A 22 -7.11 -11.10 -26.45
CA SER A 22 -7.12 -9.79 -27.08
C SER A 22 -7.74 -8.77 -26.12
N TRP A 23 -7.27 -8.75 -24.87
CA TRP A 23 -7.63 -7.74 -23.88
C TRP A 23 -6.64 -7.83 -22.73
N LYS A 24 -5.93 -6.73 -22.46
CA LYS A 24 -4.88 -6.70 -21.47
C LYS A 24 -4.87 -5.34 -20.77
N GLN A 25 -4.30 -5.32 -19.56
CA GLN A 25 -4.10 -4.12 -18.78
C GLN A 25 -2.63 -4.05 -18.38
N ASN A 26 -2.09 -2.84 -18.28
CA ASN A 26 -0.66 -2.63 -18.05
C ASN A 26 -0.44 -1.45 -17.11
N LEU A 27 0.37 -1.65 -16.07
CA LEU A 27 0.63 -0.62 -15.07
C LEU A 27 2.12 -0.63 -14.72
N VAL A 28 2.72 0.56 -14.68
CA VAL A 28 4.14 0.74 -14.37
C VAL A 28 4.29 1.93 -13.43
N SER A 29 5.11 1.77 -12.40
CA SER A 29 5.34 2.84 -11.46
C SER A 29 6.72 2.69 -10.84
N GLY A 30 7.24 3.78 -10.33
CA GLY A 30 8.53 3.80 -9.66
C GLY A 30 8.32 4.19 -8.21
N TRP A 31 9.12 3.60 -7.32
CA TRP A 31 8.91 3.69 -5.88
C TRP A 31 10.20 3.94 -5.14
N LEU A 32 10.13 4.79 -4.13
CA LEU A 32 11.17 4.94 -3.11
C LEU A 32 10.62 4.32 -1.83
N SER A 33 11.08 3.11 -1.51
CA SER A 33 10.55 2.33 -0.41
C SER A 33 9.04 2.24 -0.48
N ASP A 34 8.34 2.92 0.42
CA ASP A 34 6.88 3.01 0.42
C ASP A 34 6.35 4.13 -0.46
N LEU A 35 7.21 5.02 -0.97
CA LEU A 35 6.77 6.30 -1.55
C LEU A 35 6.81 6.24 -3.06
N GLN A 36 5.65 6.44 -3.70
CA GLN A 36 5.60 6.47 -5.16
C GLN A 36 6.24 7.74 -5.70
N THR A 37 7.03 7.60 -6.77
CA THR A 37 7.70 8.74 -7.38
C THR A 37 7.47 8.90 -8.89
N HIS A 38 7.03 7.86 -9.60
CA HIS A 38 6.85 7.92 -11.05
C HIS A 38 5.66 7.07 -11.46
N THR A 39 5.07 7.39 -12.61
CA THR A 39 4.01 6.58 -13.18
C THR A 39 4.14 6.61 -14.71
N TRP A 40 3.69 5.52 -15.33
CA TRP A 40 3.64 5.42 -16.79
C TRP A 40 2.22 5.68 -17.26
N ASP A 41 2.08 6.41 -18.36
CA ASP A 41 0.78 6.67 -19.00
C ASP A 41 0.71 5.86 -20.30
N SER A 42 -0.16 4.85 -20.33
CA SER A 42 -0.33 4.04 -21.53
C SER A 42 -0.80 4.87 -22.71
N ASN A 43 -1.78 5.75 -22.48
CA ASN A 43 -2.05 6.81 -23.44
C ASN A 43 -0.84 7.74 -23.48
N SER A 44 -0.39 8.09 -24.68
CA SER A 44 0.70 9.04 -24.89
C SER A 44 2.08 8.50 -24.50
N SER A 45 2.13 7.33 -23.86
CA SER A 45 3.38 6.63 -23.56
C SER A 45 4.40 7.55 -22.89
N THR A 46 3.96 8.26 -21.86
CA THR A 46 4.79 9.23 -21.16
C THR A 46 5.10 8.74 -19.74
N ILE A 47 6.34 8.94 -19.32
CA ILE A 47 6.71 8.80 -17.92
C ILE A 47 6.29 10.07 -17.19
N VAL A 48 5.52 9.92 -16.13
CA VAL A 48 5.05 11.08 -15.36
C VAL A 48 5.76 11.10 -14.01
N PHE A 49 6.19 12.30 -13.61
CA PHE A 49 6.93 12.53 -12.38
C PHE A 49 5.97 13.05 -11.32
N LEU A 50 5.80 12.28 -10.23
CA LEU A 50 4.83 12.66 -9.21
C LEU A 50 5.32 13.80 -8.34
N TRP A 51 6.63 14.00 -8.24
CA TRP A 51 7.17 15.11 -7.49
C TRP A 51 8.14 15.89 -8.38
N PRO A 52 8.33 17.18 -8.12
CA PRO A 52 9.35 17.92 -8.88
C PRO A 52 10.73 17.26 -8.80
N TRP A 53 11.11 16.77 -7.63
CA TRP A 53 12.40 16.13 -7.46
C TRP A 53 12.45 14.70 -7.99
N SER A 54 11.38 14.22 -8.63
CA SER A 54 11.39 12.88 -9.19
C SER A 54 12.35 12.75 -10.36
N ARG A 55 12.76 13.86 -10.96
CA ARG A 55 13.61 13.83 -12.15
C ARG A 55 15.10 13.70 -11.84
N GLY A 56 15.51 13.85 -10.58
CA GLY A 56 16.93 13.86 -10.30
C GLY A 56 17.62 15.03 -10.98
N ASN A 57 18.93 14.87 -11.20
CA ASN A 57 19.68 15.82 -12.01
C ASN A 57 19.72 15.44 -13.49
N PHE A 58 18.72 14.71 -13.95
CA PHE A 58 18.71 14.14 -15.29
C PHE A 58 18.02 15.08 -16.28
N SER A 59 18.47 15.02 -17.53
CA SER A 59 18.05 15.96 -18.55
C SER A 59 16.87 15.40 -19.34
N ASN A 60 16.06 16.31 -19.88
CA ASN A 60 14.91 15.91 -20.69
C ASN A 60 15.33 15.07 -21.88
N GLU A 61 16.53 15.33 -22.43
CA GLU A 61 17.02 14.51 -23.54
C GLU A 61 17.33 13.08 -23.08
N GLU A 62 17.62 12.87 -21.79
CA GLU A 62 17.84 11.53 -21.27
C GLU A 62 16.53 10.84 -20.93
N TRP A 63 15.53 11.60 -20.48
CA TRP A 63 14.22 11.02 -20.19
C TRP A 63 13.50 10.60 -21.47
N LYS A 64 13.68 11.36 -22.56
CA LYS A 64 13.10 10.96 -23.84
C LYS A 64 13.62 9.59 -24.29
N GLU A 65 14.86 9.26 -23.94
CA GLU A 65 15.44 7.97 -24.33
C GLU A 65 14.97 6.86 -23.39
N LEU A 66 14.94 7.13 -22.09
CA LEU A 66 14.38 6.16 -21.14
C LEU A 66 12.96 5.80 -21.52
N GLU A 67 12.11 6.81 -21.76
CA GLU A 67 10.73 6.57 -22.17
C GLU A 67 10.66 5.64 -23.37
N THR A 68 11.46 5.92 -24.41
CA THR A 68 11.40 5.10 -25.61
C THR A 68 11.99 3.71 -25.37
N LEU A 69 12.95 3.58 -24.47
CA LEU A 69 13.40 2.25 -24.08
C LEU A 69 12.32 1.53 -23.28
N PHE A 70 11.72 2.22 -22.31
CA PHE A 70 10.58 1.65 -21.59
C PHE A 70 9.47 1.23 -22.54
N ARG A 71 9.16 2.07 -23.53
CA ARG A 71 8.06 1.75 -24.45
C ARG A 71 8.42 0.58 -25.35
N ILE A 72 9.64 0.55 -25.89
CA ILE A 72 10.07 -0.57 -26.73
C ILE A 72 9.95 -1.88 -25.96
N ARG A 73 10.42 -1.89 -24.72
CA ARG A 73 10.38 -3.12 -23.93
C ARG A 73 8.95 -3.45 -23.50
N THR A 74 8.20 -2.43 -23.05
CA THR A 74 6.84 -2.67 -22.57
C THR A 74 5.96 -3.27 -23.67
N ILE A 75 6.01 -2.68 -24.86
CA ILE A 75 5.21 -3.19 -25.97
C ILE A 75 5.71 -4.55 -26.42
N ARG A 76 7.04 -4.72 -26.51
CA ARG A 76 7.58 -5.99 -27.01
C ARG A 76 7.35 -7.13 -26.01
N SER A 77 7.35 -6.83 -24.72
CA SER A 77 7.02 -7.85 -23.72
C SER A 77 5.59 -8.36 -23.85
N PHE A 78 4.69 -7.55 -24.42
CA PHE A 78 3.28 -7.89 -24.60
C PHE A 78 3.03 -8.98 -25.64
N GLU A 79 3.33 -8.66 -26.90
CA GLU A 79 3.13 -9.63 -27.97
C GLU A 79 4.04 -10.83 -27.80
N GLY A 80 5.18 -10.65 -27.11
CA GLY A 80 6.03 -11.79 -26.82
C GLY A 80 5.35 -12.81 -25.93
N ILE A 81 4.79 -12.33 -24.80
CA ILE A 81 3.99 -13.19 -23.93
C ILE A 81 2.79 -13.76 -24.70
N ARG A 82 2.21 -12.96 -25.59
CA ARG A 82 1.01 -13.40 -26.31
C ARG A 82 1.33 -14.49 -27.33
N ARG A 83 2.46 -14.36 -28.03
CA ARG A 83 2.83 -15.37 -29.02
C ARG A 83 3.12 -16.71 -28.34
N TYR A 84 4.10 -16.75 -27.45
CA TYR A 84 4.55 -17.98 -26.82
C TYR A 84 3.66 -18.44 -25.68
N ALA A 85 2.49 -17.82 -25.47
CA ALA A 85 1.65 -18.20 -24.34
C ALA A 85 1.26 -19.68 -24.37
N HIS A 86 1.10 -20.25 -25.57
CA HIS A 86 0.79 -21.68 -25.61
C HIS A 86 2.05 -22.54 -25.46
N GLU A 87 3.13 -22.18 -26.17
CA GLU A 87 4.38 -22.92 -26.00
C GLU A 87 4.89 -22.85 -24.58
N LEU A 88 4.38 -21.90 -23.78
CA LEU A 88 4.73 -21.73 -22.37
C LEU A 88 3.67 -22.25 -21.42
N GLN A 89 2.55 -22.78 -21.94
CA GLN A 89 1.43 -23.28 -21.14
C GLN A 89 0.81 -22.19 -20.25
N PHE A 90 0.85 -20.94 -20.69
CA PHE A 90 0.14 -19.87 -19.98
C PHE A 90 -1.34 -19.94 -20.32
N GLU A 91 -2.17 -19.90 -19.29
CA GLU A 91 -3.61 -20.07 -19.45
C GLU A 91 -4.31 -18.75 -19.15
N TYR A 92 -5.23 -18.35 -20.03
CA TYR A 92 -5.97 -17.12 -19.79
C TYR A 92 -7.11 -17.37 -18.81
N PRO A 93 -7.35 -16.46 -17.83
CA PRO A 93 -6.63 -15.21 -17.51
C PRO A 93 -5.41 -15.42 -16.61
N PHE A 94 -4.44 -14.52 -16.66
CA PHE A 94 -3.23 -14.68 -15.87
C PHE A 94 -2.51 -13.33 -15.78
N GLU A 95 -1.70 -13.18 -14.72
CA GLU A 95 -1.01 -11.93 -14.42
C GLU A 95 0.49 -12.16 -14.28
N ILE A 96 1.28 -11.29 -14.91
CA ILE A 96 2.73 -11.25 -14.73
C ILE A 96 3.09 -10.00 -13.95
N GLN A 97 3.83 -10.17 -12.87
CA GLN A 97 4.33 -9.06 -12.09
C GLN A 97 5.86 -9.10 -12.08
N VAL A 98 6.47 -7.91 -12.13
CA VAL A 98 7.92 -7.75 -12.14
C VAL A 98 8.27 -6.64 -11.16
N THR A 99 9.34 -6.84 -10.37
CA THR A 99 9.94 -5.76 -9.60
C THR A 99 11.46 -5.76 -9.79
N GLY A 100 12.00 -4.57 -10.07
CA GLY A 100 13.42 -4.41 -10.27
C GLY A 100 13.94 -3.11 -9.69
N GLY A 101 15.15 -3.13 -9.14
CA GLY A 101 15.71 -1.94 -8.52
C GLY A 101 17.04 -2.22 -7.86
N CYS A 102 17.44 -1.33 -6.95
CA CYS A 102 18.73 -1.46 -6.32
C CYS A 102 18.68 -0.92 -4.91
N GLU A 103 19.64 -1.36 -4.09
CA GLU A 103 19.84 -0.88 -2.73
C GLU A 103 21.32 -0.53 -2.55
N LEU A 104 21.58 0.59 -1.86
CA LEU A 104 22.95 1.07 -1.68
C LEU A 104 23.35 0.99 -0.20
N HIS A 105 24.65 0.73 0.01
CA HIS A 105 25.29 0.53 1.32
C HIS A 105 24.35 0.31 2.51
N SER A 110 24.92 -1.24 -3.32
CA SER A 110 25.54 -2.48 -2.84
C SER A 110 24.81 -3.71 -3.37
N GLY A 111 23.50 -3.57 -3.64
CA GLY A 111 22.71 -4.67 -4.14
C GLY A 111 21.82 -4.23 -5.28
N SER A 112 21.15 -5.21 -5.89
CA SER A 112 20.26 -4.97 -7.02
C SER A 112 19.51 -6.26 -7.31
N PHE A 113 18.34 -6.12 -7.92
CA PHE A 113 17.44 -7.25 -8.08
C PHE A 113 16.51 -7.02 -9.26
N LEU A 114 16.00 -8.13 -9.79
CA LEU A 114 14.99 -8.09 -10.83
C LEU A 114 14.29 -9.44 -10.82
N GLN A 115 13.02 -9.44 -10.44
CA GLN A 115 12.26 -10.66 -10.15
C GLN A 115 10.95 -10.64 -10.91
N LEU A 116 10.53 -11.81 -11.37
CA LEU A 116 9.31 -11.93 -12.13
C LEU A 116 8.46 -13.03 -11.51
N ALA A 117 7.17 -12.76 -11.39
CA ALA A 117 6.19 -13.71 -10.87
C ALA A 117 5.10 -13.97 -11.90
N TYR A 118 4.61 -15.22 -11.94
CA TYR A 118 3.47 -15.64 -12.75
C TYR A 118 2.41 -16.19 -11.80
N GLN A 119 1.17 -15.70 -11.96
CA GLN A 119 0.05 -16.12 -11.12
C GLN A 119 0.33 -15.90 -9.63
N GLY A 120 1.07 -14.82 -9.32
CA GLY A 120 1.38 -14.47 -7.94
C GLY A 120 2.40 -15.32 -7.24
N SER A 121 3.22 -16.09 -7.96
CA SER A 121 4.27 -16.92 -7.39
C SER A 121 5.59 -16.65 -8.09
N ASP A 122 6.69 -16.85 -7.36
CA ASP A 122 8.03 -16.79 -7.91
C ASP A 122 8.15 -17.64 -9.17
N PHE A 123 8.65 -17.04 -10.26
CA PHE A 123 8.76 -17.75 -11.53
C PHE A 123 10.20 -17.70 -12.04
N VAL A 124 10.71 -16.53 -12.43
CA VAL A 124 12.10 -16.37 -12.87
C VAL A 124 12.67 -15.11 -12.24
N SER A 125 13.99 -14.99 -12.27
CA SER A 125 14.66 -13.75 -11.86
C SER A 125 15.97 -13.60 -12.62
N PHE A 126 16.55 -12.39 -12.53
CA PHE A 126 17.71 -11.99 -13.33
C PHE A 126 18.94 -11.93 -12.43
N GLN A 127 19.91 -12.81 -12.69
CA GLN A 127 21.12 -12.94 -11.88
C GLN A 127 22.34 -12.53 -12.70
N ASN A 128 22.90 -11.38 -12.36
CA ASN A 128 24.09 -10.84 -13.03
C ASN A 128 23.89 -10.67 -14.53
N ASN A 129 23.77 -11.76 -15.28
CA ASN A 129 23.83 -11.67 -16.75
C ASN A 129 22.75 -12.42 -17.50
N SER A 130 21.86 -13.16 -16.85
CA SER A 130 20.86 -13.94 -17.56
C SER A 130 19.70 -14.22 -16.61
N TRP A 131 18.62 -14.76 -17.19
CA TRP A 131 17.45 -15.12 -16.41
C TRP A 131 17.60 -16.56 -15.96
N LEU A 132 17.47 -16.77 -14.69
CA LEU A 132 17.45 -18.06 -14.02
C LEU A 132 16.03 -18.39 -13.65
N PRO A 133 15.58 -19.62 -13.86
CA PRO A 133 14.24 -19.98 -13.39
C PRO A 133 14.28 -20.38 -11.93
N TYR A 134 13.20 -20.09 -11.23
CA TYR A 134 13.09 -20.63 -9.88
C TYR A 134 12.86 -22.14 -9.96
N PRO A 135 13.63 -22.94 -9.21
CA PRO A 135 13.57 -24.40 -9.40
C PRO A 135 12.23 -25.01 -9.06
N VAL A 136 11.45 -24.40 -8.15
CA VAL A 136 10.12 -24.93 -7.88
C VAL A 136 9.15 -24.59 -9.00
N ALA A 137 9.45 -23.53 -9.78
CA ALA A 137 8.55 -23.08 -10.82
C ALA A 137 8.40 -24.08 -11.95
N GLY A 138 9.32 -25.05 -12.10
CA GLY A 138 9.15 -26.15 -13.02
C GLY A 138 9.70 -25.88 -14.41
N ASN A 139 9.34 -26.78 -15.32
CA ASN A 139 9.88 -26.69 -16.68
C ASN A 139 9.32 -25.49 -17.45
N MET A 140 8.10 -25.05 -17.15
CA MET A 140 7.56 -23.87 -17.82
C MET A 140 8.50 -22.68 -17.65
N ALA A 141 9.03 -22.49 -16.43
CA ALA A 141 9.95 -21.38 -16.18
C ALA A 141 11.28 -21.59 -16.87
N LYS A 142 11.72 -22.84 -16.99
CA LYS A 142 12.94 -23.12 -17.74
C LYS A 142 12.79 -22.73 -19.21
N HIS A 143 11.63 -23.03 -19.80
CA HIS A 143 11.37 -22.64 -21.20
C HIS A 143 11.28 -21.13 -21.35
N PHE A 144 10.68 -20.46 -20.36
CA PHE A 144 10.55 -19.01 -20.42
C PHE A 144 11.91 -18.32 -20.38
N CYS A 145 12.83 -18.83 -19.55
CA CYS A 145 14.19 -18.30 -19.53
C CYS A 145 14.90 -18.50 -20.86
N LYS A 146 14.55 -19.59 -21.56
CA LYS A 146 15.10 -19.81 -22.89
C LYS A 146 14.71 -18.68 -23.84
N VAL A 147 13.43 -18.34 -23.88
CA VAL A 147 12.98 -17.23 -24.71
C VAL A 147 13.59 -15.93 -24.22
N LEU A 148 13.54 -15.69 -22.91
CA LEU A 148 14.08 -14.45 -22.34
C LEU A 148 15.58 -14.31 -22.60
N ASN A 149 16.30 -15.41 -22.72
CA ASN A 149 17.74 -15.37 -22.92
C ASN A 149 18.15 -15.57 -24.37
N GLN A 150 17.22 -15.46 -25.32
CA GLN A 150 17.58 -15.73 -26.72
C GLN A 150 18.57 -14.70 -27.26
N ASN A 151 18.52 -13.47 -26.76
CA ASN A 151 19.44 -12.41 -27.17
C ASN A 151 20.29 -12.02 -25.98
N GLN A 152 21.61 -12.20 -26.11
CA GLN A 152 22.48 -11.85 -25.00
C GLN A 152 22.61 -10.35 -24.85
N HIS A 153 22.71 -9.62 -25.97
CA HIS A 153 22.89 -8.18 -25.88
C HIS A 153 21.79 -7.54 -25.03
N GLU A 154 20.55 -8.01 -25.18
CA GLU A 154 19.46 -7.49 -24.35
C GLU A 154 19.73 -7.73 -22.87
N ASN A 155 20.26 -8.91 -22.52
CA ASN A 155 20.57 -9.22 -21.13
C ASN A 155 21.71 -8.35 -20.61
N ASP A 156 22.70 -8.07 -21.45
CA ASP A 156 23.75 -7.13 -21.10
C ASP A 156 23.18 -5.74 -20.80
N ILE A 157 22.18 -5.32 -21.58
CA ILE A 157 21.58 -4.02 -21.35
C ILE A 157 20.79 -4.01 -20.05
N THR A 158 20.14 -5.13 -19.73
CA THR A 158 19.47 -5.27 -18.45
C THR A 158 20.44 -5.26 -17.28
N HIS A 159 21.65 -5.75 -17.47
CA HIS A 159 22.65 -5.72 -16.39
C HIS A 159 23.08 -4.29 -16.07
N ASN A 160 23.42 -3.51 -17.11
CA ASN A 160 23.90 -2.15 -16.88
C ASN A 160 22.81 -1.26 -16.29
N LEU A 161 21.55 -1.54 -16.59
CA LEU A 161 20.46 -0.78 -15.98
C LEU A 161 20.45 -0.97 -14.46
N LEU A 162 20.58 -2.22 -14.00
CA LEU A 162 20.58 -2.51 -12.57
C LEU A 162 21.90 -2.13 -11.92
N SER A 163 23.01 -2.38 -12.60
CA SER A 163 24.33 -2.21 -12.03
C SER A 163 24.86 -0.78 -12.15
N ASP A 164 24.58 -0.10 -13.26
CA ASP A 164 25.05 1.26 -13.45
C ASP A 164 23.92 2.28 -13.31
N THR A 165 22.84 2.13 -14.08
CA THR A 165 21.82 3.17 -14.17
C THR A 165 21.05 3.31 -12.86
N CYS A 166 20.67 2.21 -12.23
CA CYS A 166 19.86 2.31 -11.01
C CYS A 166 20.60 2.99 -9.87
N PRO A 167 21.83 2.58 -9.49
CA PRO A 167 22.49 3.27 -8.37
C PRO A 167 22.76 4.73 -8.68
N ARG A 168 23.01 5.06 -9.95
CA ARG A 168 23.20 6.46 -10.34
C ARG A 168 21.93 7.26 -10.11
N PHE A 169 20.76 6.69 -10.39
CA PHE A 169 19.53 7.45 -10.20
C PHE A 169 19.27 7.72 -8.72
N ILE A 170 19.44 6.70 -7.87
CA ILE A 170 19.38 6.87 -6.42
C ILE A 170 20.25 8.05 -5.96
N LEU A 171 21.34 8.33 -6.68
CA LEU A 171 22.13 9.54 -6.44
C LEU A 171 21.21 10.74 -6.58
N GLY A 172 20.84 11.08 -7.82
CA GLY A 172 20.04 12.26 -8.12
C GLY A 172 18.67 12.31 -7.46
N LEU A 173 18.23 11.21 -6.84
CA LEU A 173 16.89 11.15 -6.26
C LEU A 173 16.89 11.46 -4.78
N LEU A 174 17.67 10.71 -3.99
CA LEU A 174 17.65 10.91 -2.54
C LEU A 174 18.19 12.29 -2.17
N ASP A 175 19.20 12.77 -2.89
CA ASP A 175 19.69 14.13 -2.66
C ASP A 175 18.61 15.16 -2.98
N ALA A 176 18.00 15.05 -4.17
CA ALA A 176 16.99 16.03 -4.57
C ALA A 176 15.79 16.04 -3.63
N GLY A 177 15.44 14.90 -3.04
CA GLY A 177 14.21 14.79 -2.26
C GLY A 177 14.42 14.67 -0.76
N LYS A 178 15.61 15.08 -0.29
CA LYS A 178 15.92 15.00 1.13
C LYS A 178 14.96 15.83 1.96
N ALA A 179 14.71 17.07 1.54
CA ALA A 179 13.76 17.94 2.24
C ALA A 179 12.41 17.26 2.41
N HIS A 180 12.04 16.40 1.46
CA HIS A 180 10.75 15.75 1.55
C HIS A 180 10.79 14.50 2.43
N LEU A 181 11.82 13.68 2.31
CA LEU A 181 11.86 12.44 3.08
C LEU A 181 12.34 12.65 4.51
N GLN A 182 12.91 13.81 4.82
CA GLN A 182 13.40 14.09 6.15
C GLN A 182 12.47 15.00 6.95
N ARG A 183 11.26 15.26 6.47
CA ARG A 183 10.32 16.06 7.23
C ARG A 183 9.81 15.27 8.43
N GLN A 184 9.29 16.01 9.41
CA GLN A 184 8.70 15.43 10.61
C GLN A 184 7.32 16.03 10.76
N VAL A 185 6.30 15.18 10.69
CA VAL A 185 4.92 15.59 10.79
C VAL A 185 4.35 15.00 12.08
N LYS A 186 4.00 15.86 13.02
CA LYS A 186 3.52 15.42 14.32
C LYS A 186 2.24 14.60 14.19
N PRO A 187 2.04 13.61 15.05
CA PRO A 187 0.82 12.81 14.99
C PRO A 187 -0.32 13.51 15.72
N GLU A 188 -1.49 12.92 15.56
CA GLU A 188 -2.73 13.33 16.16
C GLU A 188 -3.39 12.05 16.67
N ALA A 189 -4.04 12.11 17.83
CA ALA A 189 -4.58 10.90 18.42
C ALA A 189 -5.99 11.13 18.97
N TRP A 190 -6.76 10.06 19.10
CA TRP A 190 -8.06 10.12 19.76
C TRP A 190 -8.45 8.72 20.22
N LEU A 191 -9.51 8.64 21.03
CA LEU A 191 -9.95 7.44 21.72
C LEU A 191 -11.40 7.13 21.38
N SER A 192 -11.73 5.84 21.32
CA SER A 192 -13.10 5.42 21.07
C SER A 192 -13.30 3.98 21.56
N HIS A 193 -14.55 3.53 21.52
CA HIS A 193 -14.93 2.18 21.93
C HIS A 193 -14.78 1.25 20.75
N GLY A 194 -14.08 0.13 20.95
CA GLY A 194 -13.93 -0.89 19.94
C GLY A 194 -15.21 -1.68 19.79
N PRO A 195 -15.43 -2.28 18.63
CA PRO A 195 -16.77 -2.79 18.31
C PRO A 195 -17.05 -4.19 18.88
N SER A 196 -16.01 -4.98 19.12
CA SER A 196 -16.17 -6.40 19.44
C SER A 196 -15.58 -6.76 20.80
N PRO A 197 -16.14 -6.26 21.90
CA PRO A 197 -15.73 -6.73 23.22
C PRO A 197 -16.44 -8.03 23.58
N GLY A 198 -15.73 -8.89 24.31
CA GLY A 198 -16.35 -10.06 24.89
C GLY A 198 -17.29 -9.69 26.02
N PRO A 199 -18.05 -10.67 26.53
CA PRO A 199 -19.07 -10.37 27.55
C PRO A 199 -18.45 -9.90 28.86
N GLY A 200 -19.00 -8.83 29.43
CA GLY A 200 -18.46 -8.23 30.63
C GLY A 200 -17.21 -7.40 30.42
N HIS A 201 -16.80 -7.18 29.17
CA HIS A 201 -15.53 -6.54 28.89
C HIS A 201 -15.76 -5.36 27.95
N LEU A 202 -14.75 -4.49 27.89
CA LEU A 202 -14.71 -3.36 26.98
C LEU A 202 -13.51 -3.50 26.06
N GLN A 203 -13.57 -2.81 24.92
CA GLN A 203 -12.42 -2.69 24.03
C GLN A 203 -12.12 -1.22 23.84
N LEU A 204 -10.93 -0.80 24.24
CA LEU A 204 -10.53 0.61 24.22
C LEU A 204 -9.61 0.82 23.02
N VAL A 205 -9.92 1.81 22.20
CA VAL A 205 -9.21 2.00 20.94
C VAL A 205 -8.50 3.34 20.96
N CYS A 206 -7.20 3.34 20.69
CA CYS A 206 -6.41 4.56 20.56
C CYS A 206 -5.98 4.70 19.10
N HIS A 207 -6.52 5.69 18.41
CA HIS A 207 -6.13 5.98 17.04
C HIS A 207 -5.00 7.01 17.00
N VAL A 208 -4.09 6.84 16.05
CA VAL A 208 -2.94 7.73 15.87
C VAL A 208 -2.80 7.97 14.37
N SER A 209 -3.00 9.21 13.92
CA SER A 209 -2.90 9.48 12.47
C SER A 209 -2.07 10.73 12.19
N GLY A 210 -1.77 10.92 10.90
CA GLY A 210 -1.09 12.12 10.46
C GLY A 210 0.40 12.16 10.69
N PHE A 211 1.02 11.08 11.15
CA PHE A 211 2.44 11.14 11.44
C PHE A 211 3.28 10.65 10.26
N TYR A 212 4.53 11.12 10.25
CA TYR A 212 5.59 10.87 9.27
C TYR A 212 6.87 11.34 9.93
N PRO A 213 7.96 10.57 9.86
CA PRO A 213 7.99 9.28 9.14
C PRO A 213 7.30 8.17 9.92
N LYS A 214 7.51 6.94 9.47
CA LYS A 214 6.74 5.76 9.82
C LYS A 214 6.94 5.25 11.24
N PRO A 215 8.16 5.17 11.77
CA PRO A 215 8.34 4.56 13.09
C PRO A 215 7.58 5.32 14.18
N VAL A 216 6.86 4.58 15.02
CA VAL A 216 5.98 5.18 16.01
C VAL A 216 5.84 4.20 17.17
N TRP A 217 5.49 4.72 18.34
CA TRP A 217 5.35 3.95 19.58
C TRP A 217 4.03 4.36 20.23
N VAL A 218 3.18 3.38 20.57
CA VAL A 218 1.88 3.64 21.17
C VAL A 218 1.53 2.46 22.10
N MET A 219 1.14 2.77 23.33
CA MET A 219 0.79 1.78 24.34
C MET A 219 -0.33 2.34 25.22
N TRP A 220 -1.30 1.49 25.57
CA TRP A 220 -2.11 1.79 26.76
C TRP A 220 -1.29 1.62 28.04
N MET A 221 -1.58 2.47 29.02
CA MET A 221 -0.83 2.59 30.27
C MET A 221 -1.78 2.69 31.44
N ARG A 222 -1.29 2.27 32.60
CA ARG A 222 -1.84 2.62 33.90
C ARG A 222 -0.72 3.38 34.61
N GLY A 223 -0.78 4.71 34.58
CA GLY A 223 0.35 5.52 35.00
C GLY A 223 1.61 5.14 34.24
N GLU A 224 2.60 4.61 34.95
CA GLU A 224 3.91 4.23 34.43
C GLU A 224 3.97 2.82 33.85
N GLN A 225 2.94 2.01 34.06
CA GLN A 225 3.01 0.60 33.73
C GLN A 225 2.41 0.37 32.35
N GLU A 226 3.21 -0.09 31.41
CA GLU A 226 2.71 -0.46 30.08
C GLU A 226 1.75 -1.63 30.17
N GLN A 227 0.57 -1.50 29.56
CA GLN A 227 -0.40 -2.59 29.59
C GLN A 227 -0.11 -3.55 28.43
N GLN A 228 0.40 -4.73 28.77
CA GLN A 228 0.93 -5.65 27.77
C GLN A 228 -0.17 -6.34 26.95
N GLY A 229 -1.43 -6.13 27.30
CA GLY A 229 -2.53 -6.49 26.43
C GLY A 229 -2.73 -5.59 25.24
N THR A 230 -1.96 -4.51 25.13
CA THR A 230 -2.09 -3.59 24.00
C THR A 230 -1.83 -4.30 22.68
N GLN A 231 -2.82 -4.22 21.78
CA GLN A 231 -2.73 -4.86 20.46
C GLN A 231 -2.63 -3.80 19.38
N ARG A 232 -1.45 -3.70 18.77
CA ARG A 232 -1.16 -2.70 17.74
C ARG A 232 -1.50 -3.29 16.37
N GLY A 233 -2.40 -2.64 15.64
CA GLY A 233 -2.75 -3.07 14.30
C GLY A 233 -1.69 -2.69 13.27
N ASP A 234 -2.05 -2.87 12.00
CA ASP A 234 -1.19 -2.47 10.91
C ASP A 234 -1.09 -0.94 10.80
N ILE A 235 0.07 -0.45 10.40
CA ILE A 235 0.21 0.94 9.98
C ILE A 235 -0.32 1.08 8.56
N LEU A 236 -1.26 2.02 8.36
CA LEU A 236 -2.05 2.18 7.15
C LEU A 236 -1.77 3.51 6.49
N PRO A 237 -1.85 3.61 5.16
CA PRO A 237 -1.49 4.84 4.47
C PRO A 237 -2.63 5.83 4.34
N SER A 238 -2.25 7.09 4.10
CA SER A 238 -3.16 8.16 3.70
C SER A 238 -2.65 8.78 2.42
N ALA A 239 -3.57 9.35 1.65
CA ALA A 239 -3.20 9.94 0.38
C ALA A 239 -2.22 11.10 0.55
N ASP A 240 -2.23 11.78 1.69
CA ASP A 240 -1.26 12.86 1.92
C ASP A 240 0.12 12.36 2.32
N GLY A 241 0.34 11.05 2.36
CA GLY A 241 1.65 10.50 2.64
C GLY A 241 1.91 10.13 4.09
N THR A 242 1.00 10.46 5.00
CA THR A 242 1.16 10.13 6.41
C THR A 242 0.55 8.76 6.72
N TRP A 243 0.80 8.29 7.95
CA TRP A 243 0.41 6.97 8.38
C TRP A 243 -0.65 7.01 9.47
N TYR A 244 -1.33 5.87 9.63
CA TYR A 244 -2.39 5.67 10.59
C TYR A 244 -2.18 4.35 11.31
N LEU A 245 -2.66 4.28 12.56
CA LEU A 245 -2.52 3.09 13.37
C LEU A 245 -3.59 3.09 14.46
N ARG A 246 -4.17 1.93 14.77
CA ARG A 246 -5.00 1.71 15.96
C ARG A 246 -4.33 0.74 16.94
N ALA A 247 -4.41 1.04 18.24
CA ALA A 247 -3.94 0.16 19.32
C ALA A 247 -5.11 -0.06 20.26
N THR A 248 -5.51 -1.32 20.41
CA THR A 248 -6.72 -1.67 21.14
C THR A 248 -6.35 -2.45 22.40
N LEU A 249 -7.15 -2.29 23.45
CA LEU A 249 -6.96 -2.98 24.73
C LEU A 249 -8.31 -3.48 25.21
N GLU A 250 -8.40 -4.77 25.50
CA GLU A 250 -9.61 -5.29 26.12
C GLU A 250 -9.42 -5.33 27.63
N VAL A 251 -10.44 -4.91 28.37
CA VAL A 251 -10.37 -4.76 29.82
C VAL A 251 -11.70 -5.19 30.41
N ALA A 252 -11.65 -5.67 31.66
CA ALA A 252 -12.88 -5.83 32.43
C ALA A 252 -13.55 -4.47 32.57
N ALA A 253 -14.88 -4.47 32.64
CA ALA A 253 -15.64 -3.25 32.40
C ALA A 253 -15.36 -2.18 33.46
N GLY A 254 -15.30 -2.60 34.74
CA GLY A 254 -15.00 -1.66 35.80
C GLY A 254 -13.53 -1.31 35.93
N GLU A 255 -12.66 -2.20 35.47
CA GLU A 255 -11.21 -2.06 35.55
C GLU A 255 -10.63 -1.12 34.49
N ALA A 256 -11.44 -0.22 33.91
CA ALA A 256 -10.98 0.74 32.91
C ALA A 256 -10.67 2.10 33.52
N ALA A 257 -10.44 2.13 34.83
CA ALA A 257 -10.10 3.34 35.56
C ALA A 257 -8.60 3.56 35.52
N ASP A 258 -8.21 4.82 35.31
CA ASP A 258 -6.82 5.29 35.28
C ASP A 258 -6.08 4.92 34.00
N LEU A 259 -6.77 4.33 33.02
CA LEU A 259 -6.12 4.00 31.76
C LEU A 259 -5.92 5.25 30.91
N SER A 260 -4.77 5.31 30.24
CA SER A 260 -4.42 6.36 29.30
C SER A 260 -3.73 5.73 28.09
N CYS A 261 -3.70 6.47 26.98
CA CYS A 261 -2.95 6.06 25.79
C CYS A 261 -1.77 7.01 25.60
N ARG A 262 -0.58 6.46 25.37
CA ARG A 262 0.63 7.25 25.23
C ARG A 262 1.29 7.00 23.88
N VAL A 263 1.65 8.08 23.19
CA VAL A 263 2.25 8.03 21.85
C VAL A 263 3.63 8.69 21.93
N LYS A 264 4.64 8.02 21.39
CA LYS A 264 5.97 8.60 21.18
C LYS A 264 6.30 8.63 19.69
N HIS A 265 6.87 9.74 19.24
CA HIS A 265 7.19 9.90 17.82
C HIS A 265 8.32 10.90 17.68
N SER A 266 9.23 10.64 16.73
CA SER A 266 10.40 11.50 16.55
C SER A 266 10.03 12.97 16.46
N SER A 267 8.93 13.30 15.77
CA SER A 267 8.54 14.70 15.61
C SER A 267 8.18 15.41 16.92
N LEU A 268 7.96 14.68 18.00
CA LEU A 268 7.47 15.32 19.21
C LEU A 268 8.57 15.85 20.12
N GLU A 269 9.83 15.48 19.88
CA GLU A 269 10.97 15.94 20.67
C GLU A 269 10.80 15.63 22.16
N GLY A 270 10.30 14.43 22.48
CA GLY A 270 10.10 14.01 23.86
C GLY A 270 8.75 14.34 24.44
N GLN A 271 7.98 15.24 23.80
CA GLN A 271 6.67 15.64 24.29
C GLN A 271 5.63 14.61 23.84
N ASP A 272 5.53 13.53 24.60
CA ASP A 272 4.59 12.47 24.27
C ASP A 272 3.15 12.98 24.27
N ILE A 273 2.31 12.33 23.47
CA ILE A 273 0.87 12.57 23.51
C ILE A 273 0.27 11.64 24.57
N VAL A 274 -0.50 12.17 25.49
CA VAL A 274 -1.14 11.35 26.52
C VAL A 274 -2.62 11.70 26.54
N LEU A 275 -3.47 10.72 26.30
CA LEU A 275 -4.92 10.89 26.34
C LEU A 275 -5.47 9.90 27.34
N TYR A 276 -6.49 10.32 28.08
CA TYR A 276 -7.01 9.59 29.22
C TYR A 276 -8.42 9.09 28.92
N TRP A 277 -8.71 7.85 29.31
CA TRP A 277 -10.04 7.29 29.17
C TRP A 277 -11.00 7.94 30.17
N GLU A 278 -11.69 9.01 29.77
CA GLU A 278 -12.29 9.93 30.74
C GLU A 278 -13.53 10.58 30.13
N GLY A 279 -14.32 11.24 30.99
CA GLY A 279 -15.47 11.98 30.51
C GLY A 279 -16.56 11.04 30.00
N SER A 280 -17.18 11.44 28.89
CA SER A 280 -18.26 10.65 28.29
C SER A 280 -17.83 9.22 27.98
N LEU A 281 -16.54 8.97 27.79
CA LEU A 281 -16.06 7.64 27.48
C LEU A 281 -16.31 6.64 28.61
N VAL A 282 -16.24 7.09 29.86
CA VAL A 282 -16.25 6.17 30.99
C VAL A 282 -17.62 5.51 31.17
N PRO A 283 -18.75 6.25 31.24
CA PRO A 283 -19.06 7.69 31.33
C PRO A 283 -19.22 8.18 32.78
N ARG A 284 -18.86 9.45 33.06
CA ARG A 284 -18.93 9.98 34.41
C ARG A 284 -20.36 10.35 34.82
N GLY A 285 -20.48 10.92 36.03
CA GLY A 285 -21.74 11.47 36.52
C GLY A 285 -21.80 12.99 36.53
N ILE B 2 -3.02 -20.17 -6.68
CA ILE B 2 -4.41 -20.01 -6.32
C ILE B 2 -4.68 -18.53 -6.04
N GLN B 3 -5.82 -18.27 -5.41
CA GLN B 3 -6.30 -16.92 -5.20
C GLN B 3 -6.24 -16.53 -3.72
N ARG B 4 -6.20 -15.23 -3.47
CA ARG B 4 -6.06 -14.67 -2.14
C ARG B 4 -7.12 -13.61 -1.89
N THR B 5 -7.83 -13.77 -0.80
CA THR B 5 -9.01 -12.99 -0.48
C THR B 5 -8.58 -11.69 0.21
N PRO B 6 -9.27 -10.58 -0.04
CA PRO B 6 -8.79 -9.29 0.46
C PRO B 6 -9.04 -9.07 1.94
N LYS B 7 -8.09 -8.36 2.56
CA LYS B 7 -8.27 -7.79 3.87
C LYS B 7 -8.74 -6.35 3.70
N ILE B 8 -9.75 -5.95 4.47
CA ILE B 8 -10.45 -4.68 4.29
C ILE B 8 -10.42 -3.92 5.61
N GLN B 9 -9.94 -2.68 5.58
CA GLN B 9 -9.73 -1.88 6.79
C GLN B 9 -10.19 -0.45 6.56
N VAL B 10 -11.01 0.07 7.47
CA VAL B 10 -11.70 1.35 7.30
C VAL B 10 -11.31 2.29 8.44
N TYR B 11 -10.91 3.52 8.08
CA TYR B 11 -10.43 4.49 9.06
C TYR B 11 -10.72 5.90 8.54
N SER B 12 -10.84 6.85 9.48
CA SER B 12 -10.90 8.27 9.15
C SER B 12 -9.55 8.91 9.45
N ARG B 13 -9.27 10.02 8.73
CA ARG B 13 -8.01 10.74 8.83
C ARG B 13 -7.91 11.54 10.13
N HIS B 14 -9.03 12.02 10.64
CA HIS B 14 -9.13 12.89 11.81
C HIS B 14 -10.21 12.34 12.72
N PRO B 15 -10.14 12.62 14.02
CA PRO B 15 -11.26 12.28 14.90
C PRO B 15 -12.58 12.78 14.34
N ALA B 16 -13.61 11.95 14.48
CA ALA B 16 -14.94 12.28 13.98
C ALA B 16 -15.54 13.43 14.77
N GLU B 17 -16.04 14.42 14.05
CA GLU B 17 -16.66 15.59 14.66
C GLU B 17 -17.77 16.05 13.72
N ASN B 18 -19.00 16.06 14.21
CA ASN B 18 -20.14 16.31 13.35
C ASN B 18 -20.05 17.69 12.71
N GLY B 19 -20.35 17.74 11.41
CA GLY B 19 -20.31 18.98 10.68
C GLY B 19 -18.93 19.47 10.28
N LYS B 20 -17.87 18.68 10.56
CA LYS B 20 -16.51 19.04 10.18
C LYS B 20 -16.02 18.11 9.09
N SER B 21 -15.58 18.70 7.99
CA SER B 21 -14.95 17.98 6.88
C SER B 21 -13.84 17.03 7.36
N ASN B 22 -13.66 15.91 6.66
CA ASN B 22 -12.80 14.80 7.08
C ASN B 22 -12.52 13.94 5.84
N PHE B 23 -11.80 12.82 6.02
CA PHE B 23 -11.53 11.85 4.95
C PHE B 23 -11.82 10.42 5.43
N LEU B 24 -12.59 9.69 4.64
CA LEU B 24 -12.86 8.28 4.86
C LEU B 24 -11.90 7.45 4.01
N ASN B 25 -11.18 6.52 4.64
CA ASN B 25 -10.27 5.64 3.92
C ASN B 25 -10.76 4.20 4.00
N CYS B 26 -10.48 3.42 2.94
CA CYS B 26 -10.63 1.96 2.96
C CYS B 26 -9.39 1.38 2.31
N TYR B 27 -8.59 0.63 3.09
CA TYR B 27 -7.35 -0.01 2.63
C TYR B 27 -7.64 -1.48 2.37
N VAL B 28 -7.39 -1.90 1.15
CA VAL B 28 -7.69 -3.26 0.71
C VAL B 28 -6.37 -3.87 0.27
N SER B 29 -6.04 -5.04 0.82
CA SER B 29 -4.69 -5.60 0.71
C SER B 29 -4.70 -7.13 0.76
N GLY B 30 -3.56 -7.71 0.42
CA GLY B 30 -3.38 -9.16 0.39
C GLY B 30 -4.28 -9.93 -0.58
N PHE B 31 -4.74 -9.32 -1.67
CA PHE B 31 -5.59 -10.09 -2.57
C PHE B 31 -4.86 -10.41 -3.88
N HIS B 32 -5.35 -11.47 -4.53
CA HIS B 32 -4.89 -11.94 -5.83
C HIS B 32 -6.01 -12.78 -6.43
N PRO B 33 -6.41 -12.56 -7.70
CA PRO B 33 -5.84 -11.63 -8.68
C PRO B 33 -6.29 -10.18 -8.47
N SER B 34 -5.85 -9.29 -9.38
CA SER B 34 -5.95 -7.84 -9.14
C SER B 34 -7.32 -7.27 -9.41
N ASP B 35 -8.15 -7.98 -10.16
CA ASP B 35 -9.52 -7.58 -10.46
C ASP B 35 -10.31 -7.46 -9.17
N ILE B 36 -10.70 -6.25 -8.82
CA ILE B 36 -11.41 -6.03 -7.59
C ILE B 36 -12.35 -4.85 -7.77
N GLU B 37 -13.41 -4.84 -6.96
CA GLU B 37 -14.47 -3.83 -7.02
C GLU B 37 -14.69 -3.27 -5.62
N VAL B 38 -14.45 -1.98 -5.43
CA VAL B 38 -14.51 -1.34 -4.12
C VAL B 38 -15.41 -0.12 -4.19
N ASP B 39 -16.36 -0.02 -3.26
CA ASP B 39 -17.25 1.12 -3.13
C ASP B 39 -17.25 1.64 -1.69
N LEU B 40 -17.31 2.96 -1.54
CA LEU B 40 -17.58 3.58 -0.25
C LEU B 40 -19.07 3.89 -0.19
N LEU B 41 -19.72 3.53 0.92
CA LEU B 41 -21.15 3.73 1.07
C LEU B 41 -21.43 4.81 2.11
N LYS B 42 -22.48 5.60 1.86
CA LYS B 42 -23.09 6.42 2.91
C LYS B 42 -24.55 6.01 3.02
N ASN B 43 -24.96 5.58 4.21
CA ASN B 43 -26.30 5.08 4.44
C ASN B 43 -26.68 4.04 3.39
N GLY B 44 -25.73 3.14 3.10
CA GLY B 44 -25.98 2.06 2.17
C GLY B 44 -26.06 2.46 0.72
N GLU B 45 -25.86 3.73 0.40
CA GLU B 45 -25.86 4.20 -0.98
C GLU B 45 -24.44 4.56 -1.39
N ARG B 46 -24.10 4.22 -2.63
CA ARG B 46 -22.73 4.37 -3.11
C ARG B 46 -22.37 5.84 -3.27
N ILE B 47 -21.16 6.20 -2.81
CA ILE B 47 -20.65 7.56 -2.89
C ILE B 47 -19.93 7.73 -4.21
N GLU B 48 -20.12 8.88 -4.85
CA GLU B 48 -19.68 8.98 -6.23
C GLU B 48 -18.26 9.50 -6.40
N LYS B 49 -17.83 10.50 -5.66
CA LYS B 49 -16.46 10.96 -5.84
C LYS B 49 -15.57 10.17 -4.89
N VAL B 50 -14.92 9.13 -5.41
CA VAL B 50 -13.96 8.34 -4.65
C VAL B 50 -12.68 8.26 -5.46
N GLU B 51 -11.57 8.68 -4.87
CA GLU B 51 -10.27 8.47 -5.49
C GLU B 51 -9.69 7.16 -4.98
N HIS B 52 -8.76 6.60 -5.75
CA HIS B 52 -7.93 5.52 -5.25
C HIS B 52 -6.49 5.67 -5.74
N SER B 53 -5.57 5.17 -4.92
CA SER B 53 -4.17 5.11 -5.27
C SER B 53 -3.93 4.14 -6.42
N ASP B 54 -2.75 4.25 -7.01
CA ASP B 54 -2.36 3.33 -8.07
C ASP B 54 -2.11 1.95 -7.47
N LEU B 55 -2.65 0.92 -8.15
CA LEU B 55 -2.42 -0.46 -7.75
C LEU B 55 -0.92 -0.74 -7.59
N SER B 56 -0.58 -1.43 -6.50
CA SER B 56 0.80 -1.83 -6.19
C SER B 56 0.78 -3.25 -5.61
N PHE B 57 1.94 -3.79 -5.29
CA PHE B 57 1.91 -5.10 -4.65
C PHE B 57 2.99 -5.21 -3.60
N SER B 58 2.79 -6.15 -2.66
CA SER B 58 3.72 -6.37 -1.58
C SER B 58 4.77 -7.38 -2.01
N LYS B 59 5.72 -7.63 -1.09
CA LYS B 59 6.78 -8.57 -1.35
C LYS B 59 6.22 -9.95 -1.70
N ASP B 60 5.14 -10.35 -1.04
CA ASP B 60 4.59 -11.66 -1.38
C ASP B 60 3.72 -11.64 -2.65
N TRP B 61 3.76 -10.55 -3.42
CA TRP B 61 3.12 -10.37 -4.72
C TRP B 61 1.61 -10.13 -4.59
N SER B 62 1.07 -10.07 -3.37
CA SER B 62 -0.34 -9.75 -3.21
C SER B 62 -0.55 -8.26 -3.37
N PHE B 63 -1.67 -7.89 -3.99
CA PHE B 63 -1.94 -6.51 -4.37
C PHE B 63 -2.55 -5.73 -3.20
N TYR B 64 -2.47 -4.40 -3.29
CA TYR B 64 -3.13 -3.53 -2.32
C TYR B 64 -3.52 -2.20 -2.95
N LEU B 65 -4.54 -1.56 -2.39
CA LEU B 65 -5.11 -0.32 -2.90
C LEU B 65 -5.68 0.50 -1.74
N LEU B 66 -5.58 1.83 -1.84
CA LEU B 66 -6.27 2.73 -0.92
C LEU B 66 -7.36 3.47 -1.68
N TYR B 67 -8.60 3.34 -1.20
CA TYR B 67 -9.72 4.17 -1.63
C TYR B 67 -10.01 5.23 -0.57
N TYR B 68 -10.36 6.43 -1.01
CA TYR B 68 -10.63 7.50 -0.06
C TYR B 68 -11.54 8.57 -0.67
N THR B 69 -12.29 9.24 0.18
CA THR B 69 -13.07 10.39 -0.24
C THR B 69 -13.15 11.36 0.93
N GLU B 70 -13.29 12.64 0.58
CA GLU B 70 -13.51 13.70 1.55
C GLU B 70 -14.98 13.72 1.90
N PHE B 71 -15.30 13.88 3.18
CA PHE B 71 -16.69 13.82 3.64
C PHE B 71 -16.86 14.63 4.91
N THR B 72 -18.11 15.03 5.16
CA THR B 72 -18.54 15.68 6.40
C THR B 72 -19.57 14.81 7.10
N PRO B 73 -19.23 14.16 8.21
CA PRO B 73 -20.22 13.35 8.91
C PRO B 73 -21.20 14.18 9.74
N THR B 74 -22.40 13.61 9.92
CA THR B 74 -23.39 14.08 10.87
C THR B 74 -23.83 12.91 11.75
N GLU B 75 -24.77 13.18 12.66
CA GLU B 75 -25.18 12.18 13.64
C GLU B 75 -26.08 11.11 13.06
N LYS B 76 -26.69 11.34 11.90
CA LYS B 76 -27.52 10.32 11.27
C LYS B 76 -26.71 9.30 10.49
N ASP B 77 -25.65 9.75 9.82
CA ASP B 77 -25.02 8.98 8.75
C ASP B 77 -24.13 7.86 9.28
N GLU B 78 -24.24 6.69 8.65
CA GLU B 78 -23.33 5.57 8.85
C GLU B 78 -22.58 5.33 7.54
N TYR B 79 -21.27 5.09 7.64
CA TYR B 79 -20.43 4.89 6.48
C TYR B 79 -19.86 3.47 6.49
N ALA B 80 -19.47 2.98 5.32
CA ALA B 80 -18.95 1.64 5.16
C ALA B 80 -18.15 1.55 3.88
N CYS B 81 -17.38 0.45 3.76
CA CYS B 81 -16.65 0.05 2.56
C CYS B 81 -17.17 -1.30 2.07
N ARG B 82 -17.44 -1.42 0.77
CA ARG B 82 -18.03 -2.63 0.18
C ARG B 82 -17.12 -3.14 -0.93
N VAL B 83 -16.67 -4.39 -0.80
CA VAL B 83 -15.68 -4.98 -1.68
C VAL B 83 -16.26 -6.24 -2.31
N ASN B 84 -15.94 -6.48 -3.58
CA ASN B 84 -16.30 -7.73 -4.23
C ASN B 84 -15.08 -8.26 -4.99
N HIS B 85 -14.94 -9.59 -4.99
CA HIS B 85 -13.74 -10.25 -5.50
C HIS B 85 -14.11 -11.68 -5.86
N VAL B 86 -13.29 -12.29 -6.72
CA VAL B 86 -13.57 -13.66 -7.17
C VAL B 86 -13.59 -14.63 -5.99
N THR B 87 -12.78 -14.37 -4.95
CA THR B 87 -12.78 -15.18 -3.74
C THR B 87 -14.03 -15.00 -2.87
N LEU B 88 -14.93 -14.06 -3.17
CA LEU B 88 -16.09 -13.78 -2.32
C LEU B 88 -17.37 -14.34 -2.94
N SER B 89 -18.14 -15.08 -2.12
CA SER B 89 -19.47 -15.50 -2.53
C SER B 89 -20.38 -14.30 -2.75
N GLN B 90 -20.29 -13.30 -1.88
CA GLN B 90 -21.11 -12.11 -1.87
C GLN B 90 -20.22 -10.93 -1.49
N PRO B 91 -20.59 -9.72 -1.90
CA PRO B 91 -19.80 -8.54 -1.50
C PRO B 91 -19.73 -8.43 0.02
N LYS B 92 -18.52 -8.21 0.52
CA LYS B 92 -18.27 -8.08 1.94
C LYS B 92 -18.25 -6.61 2.31
N ILE B 93 -18.88 -6.27 3.44
CA ILE B 93 -19.04 -4.88 3.88
C ILE B 93 -18.40 -4.72 5.26
N VAL B 94 -17.52 -3.73 5.38
CA VAL B 94 -16.88 -3.38 6.65
C VAL B 94 -17.22 -1.93 6.98
N LYS B 95 -17.75 -1.70 8.18
CA LYS B 95 -18.25 -0.39 8.54
C LYS B 95 -17.14 0.51 9.11
N TRP B 96 -17.35 1.83 8.98
CA TRP B 96 -16.53 2.80 9.71
C TRP B 96 -17.03 2.84 11.15
N ASP B 97 -16.22 2.34 12.09
CA ASP B 97 -16.56 2.35 13.51
C ASP B 97 -16.25 3.71 14.10
N ARG B 98 -17.25 4.37 14.70
CA ARG B 98 -17.02 5.63 15.40
C ARG B 98 -17.96 5.72 16.59
N ASP B 99 -17.58 6.52 17.58
CA ASP B 99 -18.40 6.71 18.77
C ASP B 99 -19.47 7.77 18.55
N MET B 100 -20.65 7.53 19.11
CA MET B 100 -21.76 8.47 19.03
C MET B 100 -22.00 9.21 20.35
N GLY B 101 -21.20 8.95 21.37
CA GLY B 101 -21.41 9.55 22.68
C GLY B 101 -22.36 8.74 23.53
N SER B 102 -22.46 9.15 24.81
CA SER B 102 -23.37 8.49 25.72
C SER B 102 -24.78 8.54 25.17
N LEU B 103 -25.46 7.39 25.20
CA LEU B 103 -26.85 7.34 24.79
C LEU B 103 -27.75 8.07 25.79
N VAL B 104 -27.59 7.75 27.07
CA VAL B 104 -28.44 8.32 28.12
C VAL B 104 -28.15 9.82 28.24
N PRO B 105 -29.18 10.68 28.23
CA PRO B 105 -29.06 12.13 28.46
C PRO B 105 -28.52 12.48 29.86
#